data_5K4T
#
_entry.id   5K4T
#
_cell.length_a   91.759
_cell.length_b   91.759
_cell.length_c   93.598
_cell.angle_alpha   90.000
_cell.angle_beta   90.000
_cell.angle_gamma   90.000
#
_symmetry.space_group_name_H-M   'P 43 21 2'
#
loop_
_entity.id
_entity.type
_entity.pdbx_description
1 polymer 'L-threonine 3-dehydrogenase'
2 non-polymer GLYCEROL
3 water water
#
_entity_poly.entity_id   1
_entity_poly.type   'polypeptide(L)'
_entity_poly.pdbx_seq_one_letter_code
;HMPRVLVTGALGQIGTDLSLALRDKFGADSVLVSDVVEPGAKHPLAGLKGVEKLDCLDSNGFEKLVKEFKPTWMYHLPAI
MSVRGEAEPDLAMDINVNTTRYALELARKYNIRIFIPSTIAAFGDKCGKTMTKDDTIMNPSTVYGVTKVYTELLGTWYRQ
KYGVDFRSVRLPGIISAATLPGGGATDYAIHMYHSALLQKKCVCPVLPYESLPMMYMPDTLNSLVKIMEAPLEKLTRTVY
NITGFSFSPSELRFSIERCTDRTIEVEYVEGPAQKIANSWPDSLDDSNARNDWGHQVKYDIDMMSEDMLRQIPILHGLPS
L
;
_entity_poly.pdbx_strand_id   A
#
loop_
_chem_comp.id
_chem_comp.type
_chem_comp.name
_chem_comp.formula
GOL non-polymer GLYCEROL 'C3 H8 O3'
#
# COMPACT_ATOMS: atom_id res chain seq x y z
N HIS A 1 -10.31 -1.17 -26.43
CA HIS A 1 -10.53 0.18 -25.86
C HIS A 1 -9.96 0.30 -24.43
N MET A 2 -8.71 -0.10 -24.23
CA MET A 2 -8.19 -0.29 -22.87
C MET A 2 -6.84 0.34 -22.56
N PRO A 3 -6.57 0.61 -21.26
CA PRO A 3 -5.34 1.27 -20.86
C PRO A 3 -4.10 0.47 -21.13
N ARG A 4 -2.98 1.16 -21.33
CA ARG A 4 -1.67 0.58 -21.26
C ARG A 4 -1.02 1.03 -19.95
N VAL A 5 -0.64 0.05 -19.13
CA VAL A 5 -0.35 0.28 -17.68
C VAL A 5 1.07 -0.07 -17.33
N LEU A 6 1.84 0.94 -16.89
CA LEU A 6 3.15 0.71 -16.40
C LEU A 6 3.08 0.64 -14.87
N VAL A 7 3.59 -0.44 -14.26
CA VAL A 7 3.75 -0.50 -12.77
C VAL A 7 5.19 -0.47 -12.41
N THR A 8 5.61 0.50 -11.61
CA THR A 8 7.00 0.53 -11.08
C THR A 8 6.94 0.07 -9.64
N GLY A 9 8.07 -0.42 -9.13
CA GLY A 9 8.12 -1.03 -7.76
C GLY A 9 7.22 -2.23 -7.65
N ALA A 10 7.14 -3.01 -8.73
CA ALA A 10 6.18 -4.13 -8.85
C ALA A 10 6.47 -5.34 -7.95
N LEU A 11 7.62 -5.44 -7.32
CA LEU A 11 7.84 -6.61 -6.47
C LEU A 11 7.34 -6.47 -5.04
N GLY A 12 7.01 -5.25 -4.61
CA GLY A 12 6.36 -5.08 -3.33
C GLY A 12 5.08 -5.88 -3.24
N GLN A 13 4.50 -5.87 -2.04
CA GLN A 13 3.25 -6.52 -1.69
C GLN A 13 2.11 -6.01 -2.60
N ILE A 14 1.87 -4.70 -2.58
CA ILE A 14 0.79 -4.17 -3.43
C ILE A 14 1.10 -4.36 -4.91
N GLY A 15 2.35 -4.07 -5.29
CA GLY A 15 2.79 -4.13 -6.70
C GLY A 15 2.61 -5.51 -7.33
N THR A 16 2.83 -6.55 -6.53
CA THR A 16 2.73 -7.93 -7.02
C THR A 16 1.32 -8.25 -7.28
N ASP A 17 0.47 -8.11 -6.27
CA ASP A 17 -0.92 -8.44 -6.46
C ASP A 17 -1.62 -7.54 -7.50
N LEU A 18 -1.26 -6.24 -7.53
CA LEU A 18 -1.88 -5.32 -8.48
C LEU A 18 -1.50 -5.77 -9.90
N SER A 19 -0.23 -6.10 -10.11
CA SER A 19 0.26 -6.43 -11.41
C SER A 19 -0.55 -7.62 -11.98
N LEU A 20 -0.75 -8.63 -11.15
CA LEU A 20 -1.51 -9.76 -11.54
C LEU A 20 -2.98 -9.41 -11.79
N ALA A 21 -3.58 -8.55 -10.97
CA ALA A 21 -4.98 -8.20 -11.19
C ALA A 21 -5.08 -7.35 -12.48
N LEU A 22 -4.07 -6.53 -12.78
CA LEU A 22 -4.20 -5.68 -13.98
C LEU A 22 -4.08 -6.58 -15.23
N ARG A 23 -3.07 -7.45 -15.24
CA ARG A 23 -2.92 -8.49 -16.30
C ARG A 23 -4.16 -9.28 -16.60
N ASP A 24 -4.84 -9.73 -15.54
CA ASP A 24 -6.07 -10.47 -15.67
C ASP A 24 -7.22 -9.62 -16.16
N LYS A 25 -7.23 -8.34 -15.88
CA LYS A 25 -8.35 -7.52 -16.33
C LYS A 25 -8.08 -6.95 -17.74
N PHE A 26 -6.83 -6.62 -18.07
CA PHE A 26 -6.58 -5.88 -19.28
C PHE A 26 -5.72 -6.67 -20.29
N GLY A 27 -5.35 -7.90 -19.95
CA GLY A 27 -4.43 -8.69 -20.77
C GLY A 27 -3.01 -8.31 -20.48
N ALA A 28 -2.12 -9.28 -20.55
CA ALA A 28 -0.74 -9.12 -20.18
C ALA A 28 0.16 -8.34 -21.12
N ASP A 29 -0.26 -8.03 -22.35
CA ASP A 29 0.67 -7.17 -23.14
C ASP A 29 0.24 -5.71 -23.11
N SER A 30 -0.92 -5.47 -22.48
CA SER A 30 -1.36 -4.16 -22.00
C SER A 30 -0.69 -3.66 -20.67
N VAL A 31 0.13 -4.50 -20.03
CA VAL A 31 0.70 -4.22 -18.72
C VAL A 31 2.17 -4.48 -18.74
N LEU A 32 2.96 -3.50 -18.38
CA LEU A 32 4.37 -3.68 -18.17
C LEU A 32 4.67 -3.42 -16.69
N VAL A 33 5.42 -4.29 -16.04
CA VAL A 33 5.74 -4.09 -14.63
C VAL A 33 7.24 -4.14 -14.48
N SER A 34 7.77 -3.33 -13.56
CA SER A 34 9.20 -3.16 -13.36
C SER A 34 9.54 -3.04 -11.86
N ASP A 35 10.81 -3.23 -11.54
CA ASP A 35 11.32 -3.07 -10.19
C ASP A 35 12.83 -3.11 -10.34
N VAL A 36 13.51 -2.67 -9.29
CA VAL A 36 14.94 -2.47 -9.29
C VAL A 36 15.73 -3.79 -9.26
N VAL A 37 15.12 -4.88 -8.79
CA VAL A 37 15.72 -6.23 -8.83
C VAL A 37 14.81 -7.22 -9.57
N GLU A 38 15.35 -8.39 -9.91
CA GLU A 38 14.58 -9.45 -10.61
C GLU A 38 13.75 -10.23 -9.60
N PRO A 39 12.59 -10.80 -10.01
CA PRO A 39 11.81 -11.53 -9.02
C PRO A 39 12.56 -12.74 -8.48
N GLY A 40 12.66 -12.84 -7.14
CA GLY A 40 13.22 -14.01 -6.49
C GLY A 40 12.58 -15.26 -7.05
N ALA A 41 13.30 -16.38 -6.89
CA ALA A 41 12.99 -17.64 -7.56
C ALA A 41 11.52 -18.06 -7.42
N LYS A 42 11.03 -18.04 -6.17
CA LYS A 42 9.65 -18.47 -5.86
C LYS A 42 8.61 -17.31 -5.80
N HIS A 43 9.02 -16.09 -6.14
CA HIS A 43 8.15 -14.91 -6.17
C HIS A 43 7.01 -15.07 -7.18
N PRO A 44 5.78 -14.66 -6.81
CA PRO A 44 4.57 -14.90 -7.63
C PRO A 44 4.62 -14.57 -9.13
N LEU A 45 5.56 -13.73 -9.57
CA LEU A 45 5.64 -13.38 -10.99
C LEU A 45 7.03 -13.60 -11.61
N ALA A 46 7.87 -14.34 -10.87
CA ALA A 46 9.06 -14.98 -11.44
C ALA A 46 8.63 -15.78 -12.68
N GLY A 47 9.45 -15.75 -13.72
CA GLY A 47 9.15 -16.47 -14.96
C GLY A 47 8.25 -15.75 -15.94
N LEU A 48 7.39 -14.85 -15.47
CA LEU A 48 6.45 -14.16 -16.36
C LEU A 48 7.12 -13.15 -17.30
N LYS A 49 6.41 -12.88 -18.40
CA LYS A 49 6.86 -11.97 -19.45
C LYS A 49 6.27 -10.56 -19.23
N GLY A 50 7.06 -9.55 -19.60
CA GLY A 50 6.66 -8.19 -19.37
C GLY A 50 6.88 -7.79 -17.91
N VAL A 51 7.96 -8.32 -17.30
CA VAL A 51 8.53 -7.81 -16.05
C VAL A 51 9.98 -7.44 -16.31
N GLU A 52 10.39 -6.23 -15.86
CA GLU A 52 11.67 -5.62 -16.23
C GLU A 52 12.49 -5.20 -15.04
N LYS A 53 13.77 -5.11 -15.26
CA LYS A 53 14.66 -4.51 -14.32
C LYS A 53 14.81 -3.02 -14.65
N LEU A 54 14.57 -2.16 -13.66
CA LEU A 54 14.74 -0.74 -13.84
C LEU A 54 14.97 -0.10 -12.50
N ASP A 55 16.11 0.58 -12.38
CA ASP A 55 16.41 1.52 -11.30
C ASP A 55 15.74 2.90 -11.56
N CYS A 56 14.69 3.22 -10.82
CA CYS A 56 13.96 4.48 -11.03
C CYS A 56 14.83 5.71 -10.71
N LEU A 57 15.94 5.52 -10.00
CA LEU A 57 16.94 6.62 -9.88
C LEU A 57 17.77 6.86 -11.15
N ASP A 58 17.74 5.89 -12.05
CA ASP A 58 18.28 5.99 -13.41
C ASP A 58 17.20 6.69 -14.26
N SER A 59 17.23 8.01 -14.33
CA SER A 59 16.13 8.76 -14.97
C SER A 59 16.07 8.54 -16.48
N ASN A 60 17.19 8.15 -17.10
CA ASN A 60 17.20 7.92 -18.54
C ASN A 60 16.61 6.62 -18.88
N GLY A 61 16.97 5.61 -18.10
CA GLY A 61 16.38 4.31 -18.27
C GLY A 61 14.89 4.37 -17.99
N PHE A 62 14.52 5.19 -17.02
CA PHE A 62 13.09 5.33 -16.68
C PHE A 62 12.36 5.92 -17.91
N GLU A 63 12.86 7.04 -18.44
CA GLU A 63 12.24 7.64 -19.63
C GLU A 63 12.27 6.69 -20.86
N LYS A 64 13.37 5.98 -21.03
CA LYS A 64 13.48 5.04 -22.14
C LYS A 64 12.40 4.02 -22.06
N LEU A 65 12.15 3.48 -20.89
CA LEU A 65 11.05 2.52 -20.78
C LEU A 65 9.66 3.15 -21.07
N VAL A 66 9.47 4.37 -20.60
CA VAL A 66 8.14 5.00 -20.82
C VAL A 66 7.96 5.31 -22.32
N LYS A 67 9.03 5.83 -22.90
CA LYS A 67 9.10 6.13 -24.34
C LYS A 67 8.72 4.91 -25.20
N GLU A 68 9.33 3.76 -24.92
CA GLU A 68 9.08 2.53 -25.68
C GLU A 68 7.71 1.92 -25.40
N PHE A 69 7.30 1.88 -24.13
CA PHE A 69 6.03 1.19 -23.84
C PHE A 69 4.82 2.07 -24.07
N LYS A 70 5.01 3.37 -24.02
CA LYS A 70 3.87 4.30 -24.21
C LYS A 70 2.67 4.11 -23.27
N PRO A 71 2.92 4.16 -21.95
CA PRO A 71 1.77 3.92 -21.01
C PRO A 71 0.72 4.98 -21.14
N THR A 72 -0.56 4.65 -20.90
CA THR A 72 -1.57 5.66 -20.63
C THR A 72 -1.90 5.82 -19.09
N TRP A 73 -1.52 4.81 -18.32
CA TRP A 73 -1.64 4.76 -16.81
C TRP A 73 -0.30 4.35 -16.27
N MET A 74 0.08 4.93 -15.13
CA MET A 74 1.28 4.50 -14.44
C MET A 74 0.93 4.41 -12.92
N TYR A 75 1.18 3.25 -12.35
CA TYR A 75 1.17 3.07 -10.87
C TYR A 75 2.61 3.15 -10.39
N HIS A 76 2.99 4.28 -9.80
CA HIS A 76 4.34 4.48 -9.37
C HIS A 76 4.49 4.10 -7.91
N LEU A 77 4.91 2.86 -7.69
CA LEU A 77 4.83 2.29 -6.39
C LEU A 77 6.13 2.12 -5.61
N PRO A 78 7.30 2.60 -6.06
CA PRO A 78 8.45 2.31 -5.17
C PRO A 78 8.42 3.22 -3.94
N ALA A 79 8.77 2.67 -2.79
CA ALA A 79 8.83 3.44 -1.52
C ALA A 79 9.62 2.70 -0.46
N ILE A 80 10.41 3.47 0.31
CA ILE A 80 11.05 2.99 1.53
C ILE A 80 10.05 3.41 2.60
N MET A 81 9.50 2.44 3.30
CA MET A 81 8.40 2.67 4.17
C MET A 81 8.84 3.04 5.62
N SER A 82 7.90 3.02 6.58
CA SER A 82 8.12 3.86 7.79
C SER A 82 9.25 3.35 8.62
N VAL A 83 9.27 2.04 8.90
CA VAL A 83 10.32 1.45 9.76
C VAL A 83 11.70 1.41 9.10
N ARG A 84 11.73 0.90 7.87
CA ARG A 84 12.95 0.83 7.18
C ARG A 84 13.47 2.21 6.89
N GLY A 85 12.56 3.17 6.63
CA GLY A 85 13.02 4.55 6.39
C GLY A 85 13.82 5.21 7.47
N GLU A 86 13.49 4.86 8.72
CA GLU A 86 14.18 5.39 9.87
C GLU A 86 15.62 4.80 9.94
N ALA A 87 15.87 3.61 9.35
CA ALA A 87 17.20 3.00 9.28
C ALA A 87 17.96 3.43 8.04
N GLU A 88 17.27 3.73 6.95
CA GLU A 88 17.93 4.10 5.69
C GLU A 88 17.30 5.40 5.12
N PRO A 89 17.45 6.55 5.80
CA PRO A 89 16.74 7.75 5.40
C PRO A 89 17.19 8.32 4.05
N ASP A 90 18.47 8.15 3.71
CA ASP A 90 19.04 8.58 2.43
C ASP A 90 18.36 7.93 1.27
N LEU A 91 18.14 6.64 1.39
CA LEU A 91 17.43 5.91 0.40
C LEU A 91 15.96 6.29 0.36
N ALA A 92 15.31 6.48 1.51
CA ALA A 92 13.91 6.95 1.49
C ALA A 92 13.76 8.30 0.81
N MET A 93 14.67 9.21 1.08
CA MET A 93 14.62 10.51 0.39
C MET A 93 14.85 10.37 -1.13
N ASP A 94 15.94 9.68 -1.51
CA ASP A 94 16.17 9.40 -2.94
C ASP A 94 14.99 8.77 -3.63
N ILE A 95 14.47 7.68 -3.10
CA ILE A 95 13.34 7.03 -3.73
C ILE A 95 12.07 7.90 -3.67
N ASN A 96 11.69 8.30 -2.46
CA ASN A 96 10.36 8.83 -2.25
C ASN A 96 10.23 10.28 -2.72
N VAL A 97 11.34 11.01 -2.78
CA VAL A 97 11.39 12.41 -3.21
C VAL A 97 11.91 12.54 -4.68
N ASN A 98 13.10 11.99 -4.98
CA ASN A 98 13.60 12.06 -6.37
C ASN A 98 12.93 11.26 -7.42
N THR A 99 12.60 10.01 -7.20
CA THR A 99 11.93 9.28 -8.22
C THR A 99 10.49 9.75 -8.42
N THR A 100 9.90 10.35 -7.39
CA THR A 100 8.57 10.93 -7.53
C THR A 100 8.57 12.10 -8.49
N ARG A 101 9.56 12.96 -8.35
CA ARG A 101 9.77 14.12 -9.22
C ARG A 101 9.94 13.71 -10.69
N TYR A 102 10.76 12.69 -10.94
CA TYR A 102 10.98 12.09 -12.28
C TYR A 102 9.71 11.51 -12.82
N ALA A 103 9.01 10.75 -11.99
CA ALA A 103 7.79 10.15 -12.40
C ALA A 103 6.75 11.16 -12.80
N LEU A 104 6.61 12.21 -12.00
CA LEU A 104 5.67 13.31 -12.37
C LEU A 104 6.06 14.04 -13.71
N GLU A 105 7.33 14.33 -13.85
CA GLU A 105 7.86 14.90 -15.12
C GLU A 105 7.55 14.00 -16.28
N LEU A 106 7.66 12.68 -16.10
CA LEU A 106 7.35 11.78 -17.20
C LEU A 106 5.87 11.75 -17.48
N ALA A 107 5.06 11.83 -16.44
CA ALA A 107 3.63 11.81 -16.57
C ALA A 107 3.20 13.06 -17.33
N ARG A 108 3.83 14.17 -17.00
CA ARG A 108 3.64 15.36 -17.77
C ARG A 108 4.11 15.26 -19.24
N LYS A 109 5.37 14.93 -19.45
CA LYS A 109 5.93 14.88 -20.80
C LYS A 109 5.23 13.90 -21.75
N TYR A 110 4.84 12.74 -21.21
CA TYR A 110 4.24 11.65 -21.94
C TYR A 110 2.77 11.46 -21.76
N ASN A 111 2.07 12.45 -21.20
CA ASN A 111 0.63 12.38 -21.10
C ASN A 111 0.10 11.13 -20.39
N ILE A 112 0.57 10.82 -19.17
CA ILE A 112 0.20 9.61 -18.45
C ILE A 112 -0.67 9.95 -17.22
N ARG A 113 -1.75 9.21 -17.03
CA ARG A 113 -2.50 9.27 -15.77
C ARG A 113 -1.69 8.54 -14.71
N ILE A 114 -1.26 9.29 -13.69
CA ILE A 114 -0.30 8.78 -12.73
C ILE A 114 -0.89 8.61 -11.29
N PHE A 115 -0.81 7.38 -10.77
CA PHE A 115 -1.14 7.05 -9.39
C PHE A 115 0.18 6.95 -8.61
N ILE A 116 0.33 7.78 -7.58
CA ILE A 116 1.42 7.62 -6.60
C ILE A 116 0.72 7.48 -5.22
N PRO A 117 0.89 6.35 -4.51
CA PRO A 117 0.23 6.19 -3.23
C PRO A 117 0.84 7.06 -2.16
N SER A 118 0.00 7.61 -1.31
CA SER A 118 0.47 8.16 -0.04
C SER A 118 0.11 7.10 1.04
N THR A 119 -0.09 7.54 2.28
CA THR A 119 -0.04 6.62 3.40
C THR A 119 -0.54 7.30 4.61
N ILE A 120 -1.11 6.51 5.53
CA ILE A 120 -1.43 7.05 6.84
C ILE A 120 -0.19 7.52 7.57
N ALA A 121 0.97 7.07 7.14
CA ALA A 121 2.21 7.61 7.70
C ALA A 121 2.44 9.08 7.43
N ALA A 122 1.70 9.68 6.51
CA ALA A 122 1.78 11.14 6.30
C ALA A 122 1.15 11.91 7.44
N PHE A 123 0.37 11.26 8.27
CA PHE A 123 -0.20 11.87 9.47
C PHE A 123 0.75 11.71 10.67
N GLY A 124 0.64 12.64 11.61
CA GLY A 124 1.22 12.46 12.97
C GLY A 124 0.26 12.82 14.07
N ASP A 125 0.81 13.08 15.23
CA ASP A 125 -0.04 13.13 16.42
C ASP A 125 -0.97 14.34 16.49
N LYS A 126 -0.88 15.33 15.60
CA LYS A 126 -1.86 16.42 15.56
C LYS A 126 -3.00 16.24 14.54
N CYS A 127 -3.10 15.08 13.92
CA CYS A 127 -4.03 14.90 12.83
C CYS A 127 -5.51 14.88 13.24
N GLY A 128 -5.80 14.68 14.53
CA GLY A 128 -7.15 14.31 14.93
C GLY A 128 -7.28 12.82 14.61
N LYS A 129 -6.95 11.96 15.59
CA LYS A 129 -6.77 10.49 15.37
C LYS A 129 -8.04 9.68 15.17
N THR A 130 -9.18 10.24 15.51
CA THR A 130 -10.46 9.59 15.26
C THR A 130 -11.13 10.11 14.04
N MET A 131 -11.39 9.21 13.08
CA MET A 131 -12.04 9.51 11.82
C MET A 131 -11.31 10.66 11.10
N THR A 132 -10.00 10.50 11.02
CA THR A 132 -9.18 11.55 10.49
C THR A 132 -9.70 12.00 9.12
N LYS A 133 -9.80 13.32 9.00
CA LYS A 133 -10.22 13.98 7.74
C LYS A 133 -9.18 14.00 6.61
N ASP A 134 -9.68 14.25 5.39
CA ASP A 134 -8.84 14.35 4.20
C ASP A 134 -7.90 15.51 4.32
N ASP A 135 -8.41 16.63 4.91
CA ASP A 135 -7.65 17.85 5.13
C ASP A 135 -7.45 18.08 6.59
N THR A 136 -6.22 18.02 7.10
CA THR A 136 -6.01 18.33 8.47
C THR A 136 -4.52 18.68 8.63
N ILE A 137 -4.09 18.89 9.87
CA ILE A 137 -2.68 19.09 10.18
C ILE A 137 -1.92 17.79 9.84
N MET A 138 -0.79 17.95 9.15
CA MET A 138 0.12 16.85 8.76
C MET A 138 1.47 17.09 9.44
N ASN A 139 1.76 16.29 10.50
CA ASN A 139 2.99 16.46 11.22
C ASN A 139 3.64 15.07 11.39
N PRO A 140 4.02 14.44 10.31
CA PRO A 140 4.48 13.04 10.40
C PRO A 140 5.77 12.92 11.22
N SER A 141 5.95 11.83 11.95
CA SER A 141 7.15 11.72 12.72
C SER A 141 8.20 10.84 12.03
N THR A 142 7.92 10.24 10.86
CA THR A 142 8.86 9.45 10.16
C THR A 142 9.25 10.16 8.87
N VAL A 143 10.46 9.89 8.42
CA VAL A 143 10.95 10.45 7.19
C VAL A 143 10.09 9.96 6.01
N TYR A 144 9.63 8.72 6.04
CA TYR A 144 8.73 8.22 5.04
C TYR A 144 7.47 9.11 4.93
N GLY A 145 6.85 9.35 6.08
CA GLY A 145 5.73 10.31 6.20
C GLY A 145 6.01 11.69 5.64
N VAL A 146 7.14 12.27 6.03
CA VAL A 146 7.61 13.56 5.55
C VAL A 146 7.67 13.59 4.00
N THR A 147 8.26 12.56 3.42
CA THR A 147 8.33 12.48 1.97
C THR A 147 6.99 12.28 1.28
N LYS A 148 6.04 11.63 1.95
CA LYS A 148 4.75 11.46 1.35
C LYS A 148 3.89 12.73 1.42
N VAL A 149 4.06 13.59 2.44
CA VAL A 149 3.37 14.92 2.47
C VAL A 149 3.85 15.69 1.22
N TYR A 150 5.15 15.64 0.97
CA TYR A 150 5.74 16.34 -0.17
C TYR A 150 5.21 15.75 -1.50
N THR A 151 5.08 14.44 -1.60
CA THR A 151 4.56 13.80 -2.77
C THR A 151 3.09 14.25 -3.05
N GLU A 152 2.27 14.27 -2.01
CA GLU A 152 0.90 14.74 -2.11
C GLU A 152 0.83 16.14 -2.70
N LEU A 153 1.59 17.02 -2.10
CA LEU A 153 1.58 18.42 -2.44
C LEU A 153 2.21 18.66 -3.85
N LEU A 154 3.32 17.97 -4.15
CA LEU A 154 4.00 18.10 -5.43
C LEU A 154 3.12 17.57 -6.57
N GLY A 155 2.49 16.43 -6.36
CA GLY A 155 1.59 15.84 -7.38
C GLY A 155 0.46 16.81 -7.70
N THR A 156 -0.09 17.35 -6.63
CA THR A 156 -1.24 18.28 -6.71
C THR A 156 -0.84 19.53 -7.50
N TRP A 157 0.38 20.02 -7.26
CA TRP A 157 0.87 21.20 -7.96
C TRP A 157 1.04 20.85 -9.48
N TYR A 158 1.55 19.65 -9.81
CA TYR A 158 1.69 19.20 -11.15
C TYR A 158 0.33 19.17 -11.85
N ARG A 159 -0.67 18.71 -11.15
CA ARG A 159 -2.03 18.75 -11.64
C ARG A 159 -2.48 20.17 -12.03
N GLN A 160 -2.31 21.10 -11.10
CA GLN A 160 -2.78 22.48 -11.27
C GLN A 160 -1.98 23.22 -12.29
N LYS A 161 -0.66 23.05 -12.32
CA LYS A 161 0.20 23.74 -13.18
C LYS A 161 0.20 23.23 -14.61
N TYR A 162 0.27 21.90 -14.80
CA TYR A 162 0.55 21.25 -16.09
C TYR A 162 -0.61 20.36 -16.55
N GLY A 163 -1.64 20.17 -15.73
CA GLY A 163 -2.74 19.32 -16.09
C GLY A 163 -2.41 17.85 -15.97
N VAL A 164 -1.31 17.51 -15.30
CA VAL A 164 -0.98 16.13 -14.99
C VAL A 164 -2.16 15.49 -14.20
N ASP A 165 -2.70 14.40 -14.70
CA ASP A 165 -3.78 13.74 -14.01
C ASP A 165 -3.16 12.83 -12.90
N PHE A 166 -2.84 13.47 -11.78
CA PHE A 166 -2.24 12.86 -10.62
C PHE A 166 -3.35 12.38 -9.67
N ARG A 167 -3.32 11.12 -9.26
CA ARG A 167 -4.35 10.58 -8.34
C ARG A 167 -3.59 9.76 -7.28
N SER A 168 -4.13 9.75 -6.04
CA SER A 168 -3.48 9.15 -4.88
C SER A 168 -4.52 8.77 -3.83
N VAL A 169 -4.22 7.68 -3.14
CA VAL A 169 -4.91 7.45 -1.86
C VAL A 169 -3.87 7.34 -0.72
N ARG A 170 -4.28 7.73 0.47
CA ARG A 170 -3.56 7.40 1.70
C ARG A 170 -3.88 5.98 2.13
N LEU A 171 -2.96 5.09 1.83
CA LEU A 171 -3.11 3.70 2.17
C LEU A 171 -3.12 3.52 3.70
N PRO A 172 -4.13 2.83 4.20
CA PRO A 172 -4.10 2.32 5.60
C PRO A 172 -3.16 1.10 5.70
N GLY A 173 -3.25 0.37 6.80
CA GLY A 173 -2.50 -0.90 6.95
C GLY A 173 -3.11 -1.84 5.90
N ILE A 174 -2.27 -2.53 5.17
CA ILE A 174 -2.74 -3.47 4.14
C ILE A 174 -2.37 -4.92 4.51
N ILE A 175 -3.38 -5.76 4.58
CA ILE A 175 -3.18 -7.14 5.04
C ILE A 175 -3.27 -8.03 3.81
N SER A 176 -2.34 -8.96 3.66
CA SER A 176 -2.53 -9.98 2.63
C SER A 176 -1.79 -11.22 3.03
N ALA A 177 -2.22 -12.32 2.43
CA ALA A 177 -1.70 -13.64 2.78
C ALA A 177 -0.33 -13.93 2.18
N ALA A 178 0.00 -13.30 1.05
CA ALA A 178 1.36 -13.41 0.46
C ALA A 178 2.49 -12.81 1.30
N THR A 179 2.26 -11.66 1.94
CA THR A 179 3.31 -10.98 2.77
C THR A 179 4.03 -11.88 3.79
N LEU A 180 5.33 -11.70 3.95
CA LEU A 180 6.01 -12.39 5.00
C LEU A 180 6.22 -11.38 6.12
N PRO A 181 6.25 -11.85 7.38
CA PRO A 181 6.34 -10.93 8.52
C PRO A 181 7.77 -10.61 8.91
N GLY A 182 8.12 -9.33 8.90
CA GLY A 182 9.37 -8.86 9.50
C GLY A 182 9.12 -7.80 10.57
N GLY A 183 9.74 -6.64 10.34
CA GLY A 183 9.65 -5.53 11.23
C GLY A 183 8.88 -4.31 10.72
N GLY A 184 8.06 -4.43 9.66
CA GLY A 184 7.21 -3.26 9.16
C GLY A 184 6.19 -2.85 10.22
N ALA A 185 5.66 -1.63 10.18
CA ALA A 185 4.78 -1.11 11.21
C ALA A 185 3.53 -1.96 11.57
N THR A 186 2.95 -2.59 10.57
CA THR A 186 1.74 -3.34 10.68
C THR A 186 2.02 -4.80 10.45
N ASP A 187 3.28 -5.21 10.48
CA ASP A 187 3.62 -6.63 10.36
C ASP A 187 3.24 -7.50 11.52
N TYR A 188 2.93 -6.94 12.70
CA TYR A 188 2.46 -7.80 13.79
C TYR A 188 1.23 -8.59 13.33
N ALA A 189 0.40 -7.98 12.50
CA ALA A 189 -0.86 -8.64 12.13
C ALA A 189 -0.63 -9.98 11.42
N ILE A 190 0.27 -9.95 10.45
CA ILE A 190 0.62 -11.12 9.69
C ILE A 190 1.38 -12.12 10.56
N HIS A 191 2.24 -11.68 11.45
CA HIS A 191 2.90 -12.56 12.42
C HIS A 191 1.91 -13.30 13.32
N MET A 192 0.86 -12.56 13.72
CA MET A 192 -0.22 -13.12 14.52
C MET A 192 -0.93 -14.30 13.84
N TYR A 193 -1.32 -14.16 12.59
CA TYR A 193 -1.92 -15.25 11.79
C TYR A 193 -0.97 -16.45 11.69
N HIS A 194 0.31 -16.23 11.48
CA HIS A 194 1.29 -17.34 11.44
C HIS A 194 1.46 -18.03 12.76
N SER A 195 1.51 -17.23 13.82
CA SER A 195 1.54 -17.77 15.15
C SER A 195 0.33 -18.66 15.42
N ALA A 196 -0.83 -18.26 14.97
CA ALA A 196 -2.02 -19.03 15.25
C ALA A 196 -1.95 -20.39 14.52
N LEU A 197 -1.56 -20.34 13.24
CA LEU A 197 -1.48 -21.55 12.41
C LEU A 197 -0.41 -22.50 12.90
N LEU A 198 0.72 -21.97 13.38
CA LEU A 198 1.81 -22.83 13.89
C LEU A 198 1.64 -23.19 15.35
N GLN A 199 0.68 -22.56 16.01
CA GLN A 199 0.44 -22.73 17.43
C GLN A 199 1.67 -22.50 18.22
N LYS A 200 2.28 -21.36 18.00
CA LYS A 200 3.49 -20.98 18.71
C LYS A 200 3.26 -19.58 19.33
N LYS A 201 4.20 -19.16 20.18
CA LYS A 201 4.10 -17.93 20.87
C LYS A 201 4.19 -16.72 19.92
N CYS A 202 3.34 -15.74 20.17
CA CYS A 202 3.39 -14.53 19.40
C CYS A 202 3.84 -13.33 20.30
N VAL A 203 4.99 -12.73 19.97
CA VAL A 203 5.46 -11.59 20.71
C VAL A 203 5.02 -10.42 19.83
N CYS A 204 4.13 -9.58 20.33
CA CYS A 204 3.52 -8.53 19.54
C CYS A 204 4.08 -7.18 19.94
N PRO A 205 4.63 -6.39 19.00
CA PRO A 205 5.31 -5.17 19.38
C PRO A 205 4.44 -3.93 19.40
N VAL A 206 3.20 -4.08 18.98
CA VAL A 206 2.19 -3.04 19.05
C VAL A 206 1.31 -3.36 20.28
N LEU A 207 1.07 -2.36 21.10
CA LEU A 207 0.28 -2.48 22.31
C LEU A 207 -1.19 -2.81 22.08
N PRO A 208 -1.80 -3.54 23.04
CA PRO A 208 -3.02 -4.29 22.71
C PRO A 208 -4.19 -3.47 22.23
N TYR A 209 -4.27 -2.21 22.63
CA TYR A 209 -5.43 -1.38 22.30
C TYR A 209 -5.08 -0.27 21.31
N GLU A 210 -3.96 -0.36 20.65
CA GLU A 210 -3.55 0.63 19.64
C GLU A 210 -4.24 0.37 18.33
N SER A 211 -5.31 1.08 18.07
CA SER A 211 -6.06 0.93 16.88
C SER A 211 -5.38 1.59 15.70
N LEU A 212 -5.53 0.95 14.54
CA LEU A 212 -5.12 1.51 13.27
C LEU A 212 -6.18 1.25 12.19
N PRO A 213 -6.26 2.12 11.14
CA PRO A 213 -7.07 1.77 9.94
C PRO A 213 -6.36 0.73 9.10
N MET A 214 -7.14 -0.21 8.59
CA MET A 214 -6.65 -1.37 7.92
C MET A 214 -7.57 -1.74 6.76
N MET A 215 -7.01 -2.51 5.84
CA MET A 215 -7.83 -3.14 4.80
C MET A 215 -7.25 -4.40 4.30
N TYR A 216 -8.10 -5.28 3.77
CA TYR A 216 -7.66 -6.52 3.22
C TYR A 216 -7.38 -6.32 1.72
N MET A 217 -6.30 -6.93 1.26
CA MET A 217 -5.82 -6.74 -0.10
C MET A 217 -6.86 -6.75 -1.25
N PRO A 218 -7.83 -7.68 -1.26
CA PRO A 218 -8.75 -7.62 -2.40
C PRO A 218 -9.49 -6.31 -2.53
N ASP A 219 -9.89 -5.73 -1.40
CA ASP A 219 -10.58 -4.44 -1.37
C ASP A 219 -9.66 -3.27 -1.83
N THR A 220 -8.43 -3.35 -1.41
CA THR A 220 -7.41 -2.43 -1.84
C THR A 220 -7.25 -2.43 -3.36
N LEU A 221 -7.05 -3.61 -3.93
CA LEU A 221 -6.89 -3.84 -5.38
C LEU A 221 -8.04 -3.25 -6.12
N ASN A 222 -9.23 -3.53 -5.64
CA ASN A 222 -10.44 -2.97 -6.21
C ASN A 222 -10.43 -1.45 -6.28
N SER A 223 -10.04 -0.82 -5.15
CA SER A 223 -10.10 0.64 -5.08
C SER A 223 -8.99 1.29 -5.92
N LEU A 224 -7.83 0.67 -5.97
CA LEU A 224 -6.75 1.14 -6.78
C LEU A 224 -7.05 1.14 -8.31
N VAL A 225 -7.79 0.13 -8.75
CA VAL A 225 -8.27 0.12 -10.13
C VAL A 225 -9.37 1.14 -10.30
N LYS A 226 -10.30 1.14 -9.36
CA LYS A 226 -11.45 2.00 -9.49
C LYS A 226 -11.13 3.53 -9.50
N ILE A 227 -10.16 3.96 -8.69
CA ILE A 227 -9.81 5.39 -8.68
C ILE A 227 -9.15 5.78 -10.04
N MET A 228 -8.44 4.88 -10.67
CA MET A 228 -7.85 5.10 -11.99
C MET A 228 -8.86 5.06 -13.17
N GLU A 229 -9.98 4.35 -12.99
CA GLU A 229 -10.99 4.27 -14.01
C GLU A 229 -11.92 5.46 -13.99
N ALA A 230 -12.02 6.15 -12.84
CA ALA A 230 -12.96 7.24 -12.71
C ALA A 230 -12.70 8.33 -13.72
N PRO A 231 -13.74 8.93 -14.23
CA PRO A 231 -13.40 10.09 -15.04
C PRO A 231 -12.98 11.26 -14.19
N LEU A 232 -12.11 12.06 -14.77
CA LEU A 232 -11.45 13.15 -14.06
C LEU A 232 -12.47 14.07 -13.44
N GLU A 233 -13.59 14.30 -14.11
CA GLU A 233 -14.63 15.22 -13.62
C GLU A 233 -15.30 14.73 -12.34
N LYS A 234 -15.29 13.45 -12.05
CA LYS A 234 -15.86 13.01 -10.76
C LYS A 234 -14.96 13.30 -9.54
N LEU A 235 -13.72 13.66 -9.78
CA LEU A 235 -12.79 13.80 -8.66
C LEU A 235 -12.75 15.22 -8.18
N THR A 236 -13.15 15.46 -6.94
CA THR A 236 -12.98 16.73 -6.35
C THR A 236 -11.60 16.95 -5.73
N ARG A 237 -10.74 15.96 -5.69
CA ARG A 237 -9.42 16.16 -5.13
C ARG A 237 -8.46 15.17 -5.71
N THR A 238 -7.19 15.34 -5.40
CA THR A 238 -6.19 14.44 -5.92
C THR A 238 -5.81 13.32 -4.96
N VAL A 239 -6.01 13.53 -3.65
CA VAL A 239 -5.53 12.61 -2.64
C VAL A 239 -6.69 12.25 -1.73
N TYR A 240 -6.95 10.94 -1.60
CA TYR A 240 -8.09 10.46 -0.83
C TYR A 240 -7.69 9.51 0.28
N ASN A 241 -8.13 9.79 1.50
CA ASN A 241 -8.12 8.73 2.53
C ASN A 241 -8.91 7.56 2.01
N ILE A 242 -8.38 6.33 2.18
CA ILE A 242 -9.29 5.18 2.09
C ILE A 242 -9.11 4.24 3.26
N THR A 243 -10.20 3.65 3.74
CA THR A 243 -10.10 2.63 4.79
C THR A 243 -11.01 1.44 4.52
N GLY A 244 -10.69 0.32 5.20
CA GLY A 244 -11.59 -0.83 5.30
C GLY A 244 -12.26 -0.83 6.66
N PHE A 245 -11.46 -1.04 7.71
CA PHE A 245 -12.02 -1.06 9.05
C PHE A 245 -10.84 -0.87 9.97
N SER A 246 -11.08 -0.47 11.18
CA SER A 246 -9.99 -0.31 12.12
C SER A 246 -9.91 -1.52 13.05
N PHE A 247 -8.68 -1.90 13.45
CA PHE A 247 -8.55 -2.74 14.60
C PHE A 247 -7.30 -2.49 15.38
N SER A 248 -7.34 -2.88 16.65
CA SER A 248 -6.15 -3.06 17.50
C SER A 248 -5.63 -4.51 17.53
N PRO A 249 -4.41 -4.72 18.04
CA PRO A 249 -3.96 -6.09 18.16
C PRO A 249 -4.89 -6.99 18.99
N SER A 250 -5.44 -6.47 20.09
CA SER A 250 -6.35 -7.35 20.87
C SER A 250 -7.62 -7.73 20.04
N GLU A 251 -8.12 -6.81 19.23
CA GLU A 251 -9.25 -7.10 18.40
C GLU A 251 -8.94 -8.13 17.32
N LEU A 252 -7.73 -8.04 16.77
CA LEU A 252 -7.34 -9.00 15.69
C LEU A 252 -7.23 -10.36 16.34
N ARG A 253 -6.58 -10.41 17.49
CA ARG A 253 -6.42 -11.66 18.20
C ARG A 253 -7.77 -12.32 18.44
N PHE A 254 -8.74 -11.51 18.88
CA PHE A 254 -10.08 -11.91 19.12
C PHE A 254 -10.73 -12.55 17.88
N SER A 255 -10.63 -11.87 16.75
CA SER A 255 -11.13 -12.37 15.49
C SER A 255 -10.47 -13.73 15.12
N ILE A 256 -9.17 -13.86 15.24
CA ILE A 256 -8.51 -15.05 14.85
C ILE A 256 -8.98 -16.21 15.81
N GLU A 257 -8.99 -15.95 17.12
CA GLU A 257 -9.33 -16.96 18.09
C GLU A 257 -10.77 -17.42 17.90
N ARG A 258 -11.62 -16.48 17.51
CA ARG A 258 -12.98 -16.81 17.21
C ARG A 258 -13.06 -17.77 16.03
N CYS A 259 -12.25 -17.59 14.96
CA CYS A 259 -12.32 -18.48 13.81
C CYS A 259 -11.70 -19.84 14.16
N THR A 260 -10.63 -19.88 14.93
CA THR A 260 -9.93 -21.14 15.17
C THR A 260 -10.42 -21.89 16.41
N ASP A 261 -11.06 -21.17 17.31
CA ASP A 261 -11.38 -21.67 18.62
C ASP A 261 -10.17 -22.12 19.36
N ARG A 262 -8.98 -21.58 19.02
CA ARG A 262 -7.80 -21.80 19.79
C ARG A 262 -7.23 -20.47 20.25
N THR A 263 -6.86 -20.39 21.51
CA THR A 263 -6.21 -19.25 22.08
C THR A 263 -4.80 -19.15 21.61
N ILE A 264 -4.38 -17.97 21.16
CA ILE A 264 -2.97 -17.76 20.72
C ILE A 264 -2.24 -17.35 21.96
N GLU A 265 -1.07 -17.89 22.19
CA GLU A 265 -0.29 -17.37 23.27
C GLU A 265 0.36 -16.04 22.81
N VAL A 266 -0.11 -14.93 23.33
CA VAL A 266 0.40 -13.61 22.91
C VAL A 266 1.07 -12.89 24.10
N GLU A 267 2.25 -12.35 23.90
CA GLU A 267 2.82 -11.40 24.84
C GLU A 267 3.00 -10.10 24.13
N TYR A 268 2.44 -9.05 24.71
CA TYR A 268 2.52 -7.73 24.16
C TYR A 268 3.79 -7.12 24.74
N VAL A 269 4.83 -6.99 23.90
CA VAL A 269 6.09 -6.40 24.32
C VAL A 269 6.47 -5.29 23.34
N GLU A 270 6.42 -4.07 23.81
CA GLU A 270 6.54 -2.89 22.95
C GLU A 270 7.78 -3.00 22.06
N GLY A 271 7.60 -2.81 20.76
CA GLY A 271 8.71 -2.60 19.87
C GLY A 271 8.67 -1.32 19.10
N PRO A 272 9.65 -1.13 18.20
CA PRO A 272 9.75 0.09 17.37
C PRO A 272 8.43 0.48 16.71
N ALA A 273 7.67 -0.50 16.20
CA ALA A 273 6.36 -0.20 15.61
C ALA A 273 5.38 0.60 16.49
N GLN A 274 5.42 0.42 17.80
CA GLN A 274 4.42 1.05 18.67
C GLN A 274 4.43 2.56 18.61
N LYS A 275 5.60 3.15 18.80
CA LYS A 275 5.71 4.57 18.86
C LYS A 275 5.26 5.26 17.52
N ILE A 276 5.59 4.60 16.43
CA ILE A 276 5.12 5.01 15.09
C ILE A 276 3.60 4.89 14.96
N ALA A 277 3.09 3.72 15.27
CA ALA A 277 1.66 3.47 15.19
C ALA A 277 0.85 4.43 16.03
N ASN A 278 1.36 4.71 17.21
CA ASN A 278 0.70 5.60 18.15
C ASN A 278 0.64 7.01 17.57
N SER A 279 1.54 7.42 16.68
CA SER A 279 1.45 8.74 16.06
C SER A 279 0.45 8.77 14.86
N TRP A 280 -0.09 7.62 14.47
CA TRP A 280 -0.96 7.48 13.31
C TRP A 280 -2.39 7.50 13.72
N PRO A 281 -3.31 7.71 12.75
CA PRO A 281 -4.74 7.67 13.10
C PRO A 281 -5.18 6.31 13.67
N ASP A 282 -6.26 6.32 14.45
CA ASP A 282 -7.06 5.12 14.80
C ASP A 282 -8.00 4.64 13.69
N SER A 283 -8.56 5.60 12.96
CA SER A 283 -9.50 5.36 11.92
C SER A 283 -9.50 6.59 10.96
N LEU A 284 -9.89 6.39 9.69
CA LEU A 284 -10.01 7.42 8.68
C LEU A 284 -11.45 7.66 8.28
N ASP A 285 -11.75 8.93 8.02
CA ASP A 285 -12.91 9.36 7.27
C ASP A 285 -12.58 9.30 5.77
N ASP A 286 -13.20 8.35 5.09
CA ASP A 286 -12.98 8.12 3.64
C ASP A 286 -14.27 8.45 2.85
N SER A 287 -15.09 9.33 3.39
CA SER A 287 -16.35 9.67 2.72
C SER A 287 -16.14 10.41 1.37
N ASN A 288 -15.11 11.26 1.22
CA ASN A 288 -14.82 11.80 -0.12
C ASN A 288 -14.59 10.72 -1.17
N ALA A 289 -13.76 9.72 -0.86
CA ALA A 289 -13.54 8.63 -1.78
C ALA A 289 -14.82 7.82 -2.10
N ARG A 290 -15.67 7.60 -1.08
CA ARG A 290 -16.94 6.88 -1.24
C ARG A 290 -17.84 7.67 -2.22
N ASN A 291 -18.04 8.95 -1.94
CA ASN A 291 -18.85 9.85 -2.76
C ASN A 291 -18.34 10.14 -4.15
N ASP A 292 -17.05 10.44 -4.32
CA ASP A 292 -16.54 10.84 -5.64
C ASP A 292 -16.40 9.67 -6.59
N TRP A 293 -15.82 8.58 -6.13
CA TRP A 293 -15.54 7.49 -7.06
C TRP A 293 -15.97 6.11 -6.59
N GLY A 294 -16.80 5.98 -5.57
CA GLY A 294 -17.37 4.63 -5.28
C GLY A 294 -16.50 3.66 -4.51
N HIS A 295 -15.47 4.15 -3.76
CA HIS A 295 -14.65 3.29 -2.88
C HIS A 295 -15.58 2.42 -2.05
N GLN A 296 -15.32 1.12 -2.00
CA GLN A 296 -16.22 0.14 -1.35
C GLN A 296 -15.40 -0.89 -0.71
N VAL A 297 -15.93 -1.47 0.35
CA VAL A 297 -15.23 -2.50 1.07
C VAL A 297 -16.19 -3.72 1.22
N LYS A 298 -15.77 -4.88 0.77
CA LYS A 298 -16.52 -6.15 0.97
C LYS A 298 -16.12 -6.87 2.28
N TYR A 299 -14.85 -6.77 2.69
CA TYR A 299 -14.37 -7.54 3.87
C TYR A 299 -14.51 -6.80 5.19
N ASP A 300 -15.02 -7.54 6.20
CA ASP A 300 -14.80 -7.18 7.61
C ASP A 300 -13.71 -8.02 8.22
N ILE A 301 -13.40 -7.75 9.49
CA ILE A 301 -12.24 -8.38 10.11
C ILE A 301 -12.36 -9.91 10.14
N ASP A 302 -13.55 -10.41 10.41
CA ASP A 302 -13.77 -11.91 10.47
C ASP A 302 -13.75 -12.56 9.12
N MET A 303 -14.29 -11.92 8.09
CA MET A 303 -14.17 -12.52 6.71
C MET A 303 -12.73 -12.54 6.33
N MET A 304 -12.01 -11.47 6.72
CA MET A 304 -10.62 -11.40 6.39
C MET A 304 -9.88 -12.51 7.09
N SER A 305 -10.16 -12.71 8.36
CA SER A 305 -9.41 -13.71 9.14
C SER A 305 -9.67 -15.14 8.56
N GLU A 306 -10.90 -15.37 8.16
CA GLU A 306 -11.30 -16.69 7.64
C GLU A 306 -10.43 -16.95 6.39
N ASP A 307 -10.40 -15.96 5.49
CA ASP A 307 -9.62 -16.04 4.23
C ASP A 307 -8.13 -16.14 4.47
N MET A 308 -7.61 -15.32 5.38
CA MET A 308 -6.22 -15.43 5.71
C MET A 308 -5.80 -16.80 6.25
N LEU A 309 -6.62 -17.36 7.12
CA LEU A 309 -6.28 -18.61 7.78
C LEU A 309 -6.40 -19.75 6.75
N ARG A 310 -7.33 -19.63 5.80
CA ARG A 310 -7.36 -20.57 4.64
C ARG A 310 -6.19 -20.42 3.63
N GLN A 311 -5.83 -19.18 3.25
CA GLN A 311 -4.72 -18.93 2.28
C GLN A 311 -3.30 -19.15 2.72
N ILE A 312 -2.99 -18.84 3.94
CA ILE A 312 -1.58 -18.84 4.32
C ILE A 312 -0.99 -20.26 4.25
N PRO A 313 -1.75 -21.27 4.69
CA PRO A 313 -1.18 -22.63 4.54
C PRO A 313 -0.95 -22.97 3.04
N ILE A 314 -1.95 -22.68 2.20
CA ILE A 314 -1.84 -22.84 0.75
C ILE A 314 -0.61 -22.13 0.17
N LEU A 315 -0.44 -20.83 0.44
CA LEU A 315 0.65 -20.05 -0.15
C LEU A 315 2.01 -20.30 0.49
N HIS A 316 2.08 -20.61 1.78
CA HIS A 316 3.40 -20.76 2.42
C HIS A 316 3.63 -22.10 3.07
N GLY A 317 2.64 -22.99 2.95
CA GLY A 317 2.78 -24.35 3.48
C GLY A 317 2.83 -24.46 4.99
N LEU A 318 2.27 -23.50 5.72
CA LEU A 318 2.12 -23.66 7.16
C LEU A 318 1.01 -24.69 7.41
N PRO A 319 0.91 -25.20 8.66
CA PRO A 319 -0.24 -26.12 8.98
C PRO A 319 -1.62 -25.45 8.87
N SER A 320 -2.64 -26.17 8.47
CA SER A 320 -3.94 -25.60 8.19
C SER A 320 -4.97 -25.86 9.32
N LEU A 321 -6.21 -25.40 9.10
CA LEU A 321 -7.37 -25.37 10.05
C LEU A 321 -7.35 -24.10 10.95
C1 GOL B . -13.36 -1.66 -9.72
O1 GOL B . -14.46 -0.87 -10.20
C2 GOL B . -13.26 -2.85 -10.65
O2 GOL B . -12.99 -2.31 -11.94
C3 GOL B . -12.16 -3.80 -10.21
O3 GOL B . -11.55 -4.39 -11.36
C1 GOL C . -8.68 16.54 -9.55
O1 GOL C . -7.53 16.23 -10.35
C2 GOL C . -9.21 17.93 -9.97
O2 GOL C . -9.60 18.67 -8.80
C3 GOL C . -10.21 17.88 -11.19
O3 GOL C . -11.48 17.11 -11.20
C1 GOL D . -3.28 18.45 2.90
O1 GOL D . -4.18 19.40 2.36
C2 GOL D . -2.66 17.42 1.89
O2 GOL D . -3.21 17.29 0.57
C3 GOL D . -1.20 17.69 1.63
O3 GOL D . -0.32 16.69 2.16
C1 GOL E . 9.53 0.60 26.70
O1 GOL E . 9.52 1.75 27.56
C2 GOL E . 8.56 -0.50 27.13
O2 GOL E . 9.32 -1.26 28.10
C3 GOL E . 7.16 -0.04 27.65
O3 GOL E . 5.96 -0.62 26.99
C1 GOL F . 2.53 10.32 -25.29
O1 GOL F . 2.42 11.67 -25.77
C2 GOL F . 2.54 9.29 -26.41
O2 GOL F . 2.98 8.03 -25.85
C3 GOL F . 1.12 9.21 -27.03
O3 GOL F . 1.17 9.57 -28.43
C1 GOL G . -0.07 15.99 -18.63
O1 GOL G . 0.31 14.64 -18.29
C2 GOL G . -0.87 16.10 -19.94
O2 GOL G . -1.74 14.99 -20.17
C3 GOL G . -1.69 17.40 -20.10
O3 GOL G . -1.10 18.03 -21.25
C1 GOL H . -7.29 20.01 -2.51
O1 GOL H . -6.89 20.06 -1.12
C2 GOL H . -7.15 18.62 -3.12
O2 GOL H . -6.94 18.64 -4.54
C3 GOL H . -5.95 17.88 -2.55
O3 GOL H . -6.14 16.49 -2.83
C1 GOL I . -2.26 2.88 24.92
O1 GOL I . -1.22 3.87 24.82
C2 GOL I . -2.10 1.99 23.70
O2 GOL I . -2.53 2.75 22.62
C3 GOL I . -3.06 0.82 23.80
O3 GOL I . -2.50 -0.43 24.16
#